data_7WCW
#
_entry.id   7WCW
#
_cell.length_a   41.984
_cell.length_b   61.353
_cell.length_c   60.531
_cell.angle_alpha   90.000
_cell.angle_beta   97.610
_cell.angle_gamma   90.000
#
_symmetry.space_group_name_H-M   'P 1 21 1'
#
loop_
_entity.id
_entity.type
_entity.pdbx_description
1 polymer 'Fibroblast growth factor receptor 4'
2 non-polymer ~{N}-[2-[[5-[(1~{R})-1-[3,5-bis(chloranyl)pyridin-4-yl]ethoxy]-1~{H}-indazol-3-yl]amino]-3-fluoranyl-5-(4-morpholin-4-ylpiperidin-1-yl)phenyl]propanamide
3 non-polymer 'SULFATE ION'
4 water water
#
_entity_poly.entity_id   1
_entity_poly.type   'polypeptide(L)'
_entity_poly.pdbx_seq_one_letter_code
;LLAGLVSLDLPLDPLWEFPRDRLVLGKPLGEGAFGQVVRAEAFGMDPARPDQASTVAVKMLKDNASDKDLADLVSEMEVM
KLIGRHKNIINLLGVCTQEGPLYVILECAAKGNLREFLRARRPPGPDLSPDGPRSSEGPLSFPVLVSCAYQVARGMQYLE
SRKCIHRDLAARNVLVTEDNVMKIADFGLARGVHHIDYYKKTSNGRLPVKWMAPEALFDEVYTHQSDVWSFGILLWEIFT
LGGSPYPGIPVEELFSLLREGHRMDRPPHCPPELYGLMRECWHAAPSQRPTFKQLVEALDKVLLAVSEE
;
_entity_poly.pdbx_strand_id   A
#
loop_
_chem_comp.id
_chem_comp.type
_chem_comp.name
_chem_comp.formula
90F non-polymer ~{N}-[2-[[5-[(1~{R})-1-[3,5-bis(chloranyl)pyridin-4-yl]ethoxy]-1~{H}-indazol-3-yl]amino]-3-fluoranyl-5-(4-morpholin-4-ylpiperidin-1-yl)phenyl]propanamide 'C32 H36 Cl2 F N7 O3'
SO4 non-polymer 'SULFATE ION' 'O4 S -2'
#
# COMPACT_ATOMS: atom_id res chain seq x y z
N ASP A 9 6.05 22.40 -20.93
CA ASP A 9 6.02 23.38 -19.85
C ASP A 9 7.15 23.12 -18.85
N LEU A 10 7.18 21.88 -18.35
CA LEU A 10 8.23 21.43 -17.44
C LEU A 10 9.49 21.08 -18.25
N PRO A 11 10.65 20.98 -17.59
CA PRO A 11 11.86 20.59 -18.31
C PRO A 11 11.78 19.16 -18.85
N LEU A 12 12.44 18.91 -19.97
CA LEU A 12 12.44 17.59 -20.58
C LEU A 12 13.48 16.67 -19.95
N ASP A 13 13.02 15.52 -19.46
CA ASP A 13 13.91 14.49 -18.95
C ASP A 13 13.85 13.30 -19.88
N PRO A 14 14.78 13.23 -20.85
CA PRO A 14 14.80 12.17 -21.87
C PRO A 14 14.94 10.77 -21.28
N LEU A 15 15.43 10.67 -20.05
CA LEU A 15 15.56 9.38 -19.37
C LEU A 15 14.20 8.75 -19.11
N TRP A 16 13.23 9.58 -18.71
CA TRP A 16 11.94 9.08 -18.29
C TRP A 16 10.80 9.43 -19.24
N GLU A 17 11.01 10.43 -20.09
CA GLU A 17 9.95 10.93 -20.96
C GLU A 17 9.43 9.84 -21.90
N PHE A 18 8.11 9.85 -22.10
CA PHE A 18 7.45 8.87 -22.94
C PHE A 18 6.41 9.57 -23.81
N PRO A 19 6.40 9.27 -25.12
CA PRO A 19 5.46 9.90 -26.05
C PRO A 19 4.01 9.63 -25.67
N ARG A 20 3.27 10.69 -25.35
CA ARG A 20 1.89 10.58 -24.89
C ARG A 20 0.98 9.94 -25.93
N ASP A 21 1.35 10.08 -27.20
CA ASP A 21 0.56 9.50 -28.29
C ASP A 21 0.68 7.98 -28.32
N ARG A 22 1.62 7.44 -27.55
CA ARG A 22 1.77 6.00 -27.44
C ARG A 22 0.93 5.45 -26.29
N LEU A 23 0.04 6.29 -25.77
CA LEU A 23 -0.87 5.89 -24.70
C LEU A 23 -2.32 5.92 -25.16
N VAL A 24 -3.07 4.89 -24.81
CA VAL A 24 -4.50 4.86 -25.06
C VAL A 24 -5.23 4.72 -23.73
N LEU A 25 -5.81 5.82 -23.26
CA LEU A 25 -6.46 5.85 -21.95
C LEU A 25 -7.71 4.98 -21.93
N GLY A 26 -7.90 4.27 -20.82
CA GLY A 26 -9.05 3.40 -20.66
C GLY A 26 -9.57 3.67 -19.26
N LYS A 27 -10.22 2.66 -18.68
CA LYS A 27 -11.08 2.81 -17.50
C LYS A 27 -10.36 3.48 -16.33
N PRO A 28 -11.00 4.49 -15.74
CA PRO A 28 -10.47 5.14 -14.53
C PRO A 28 -10.42 4.15 -13.36
N LEU A 29 -9.36 4.19 -12.58
CA LEU A 29 -9.19 3.22 -11.49
C LEU A 29 -9.61 3.81 -10.14
N GLY A 30 -9.17 5.03 -9.86
CA GLY A 30 -9.46 5.65 -8.58
C GLY A 30 -9.15 7.12 -8.53
N GLU A 31 -9.36 7.72 -7.35
CA GLU A 31 -9.22 9.15 -7.18
C GLU A 31 -8.71 9.47 -5.78
N GLY A 32 -7.80 10.44 -5.68
CA GLY A 32 -7.20 10.80 -4.40
C GLY A 32 -7.37 12.26 -4.06
N ALA A 33 -6.70 12.69 -2.99
CA ALA A 33 -6.71 14.10 -2.59
C ALA A 33 -6.17 14.96 -3.73
N PHE A 34 -5.07 14.51 -4.32
CA PHE A 34 -4.57 15.10 -5.55
C PHE A 34 -4.38 14.00 -6.58
N GLY A 35 -4.77 14.28 -7.82
CA GLY A 35 -4.55 13.35 -8.91
C GLY A 35 -5.51 12.17 -8.96
N GLN A 36 -5.78 11.73 -10.19
CA GLN A 36 -6.59 10.53 -10.42
C GLN A 36 -5.76 9.50 -11.18
N VAL A 37 -6.20 8.25 -11.16
CA VAL A 37 -5.48 7.18 -11.85
C VAL A 37 -6.36 6.54 -12.92
N VAL A 38 -5.82 6.43 -14.13
CA VAL A 38 -6.54 5.84 -15.24
C VAL A 38 -5.75 4.67 -15.84
N ARG A 39 -6.40 3.53 -15.99
CA ARG A 39 -5.78 2.42 -16.70
C ARG A 39 -5.62 2.80 -18.16
N ALA A 40 -4.48 2.43 -18.74
CA ALA A 40 -4.22 2.76 -20.13
C ALA A 40 -3.34 1.73 -20.81
N GLU A 41 -3.46 1.63 -22.12
CA GLU A 41 -2.61 0.76 -22.91
C GLU A 41 -1.40 1.54 -23.40
N ALA A 42 -0.23 0.93 -23.35
CA ALA A 42 1.00 1.59 -23.78
C ALA A 42 1.70 0.79 -24.87
N PHE A 43 2.20 1.47 -25.88
CA PHE A 43 2.88 0.81 -26.98
C PHE A 43 4.35 1.19 -27.05
N GLY A 44 5.21 0.20 -26.84
CA GLY A 44 6.64 0.41 -26.92
C GLY A 44 7.25 0.99 -25.66
N MET A 45 6.67 0.63 -24.51
CA MET A 45 7.27 1.01 -23.22
C MET A 45 8.69 0.45 -23.17
N ASP A 46 8.82 -0.77 -23.68
CA ASP A 46 10.13 -1.34 -23.98
C ASP A 46 10.55 -0.82 -25.35
N PRO A 47 11.59 0.02 -25.39
CA PRO A 47 12.05 0.62 -26.65
C PRO A 47 12.53 -0.43 -27.66
N ALA A 48 12.89 -1.62 -27.16
CA ALA A 48 13.36 -2.70 -28.02
C ALA A 48 12.25 -3.23 -28.91
N ARG A 49 11.02 -3.22 -28.40
CA ARG A 49 9.86 -3.59 -29.22
C ARG A 49 8.80 -2.48 -29.19
N PRO A 50 8.92 -1.53 -30.14
CA PRO A 50 8.13 -0.30 -30.28
C PRO A 50 6.63 -0.50 -30.44
N ASP A 51 6.22 -1.64 -31.01
CA ASP A 51 4.81 -1.87 -31.29
C ASP A 51 4.14 -2.79 -30.28
N GLN A 52 4.90 -3.19 -29.25
CA GLN A 52 4.38 -4.10 -28.24
C GLN A 52 3.44 -3.39 -27.26
N ALA A 53 2.28 -3.99 -27.02
CA ALA A 53 1.29 -3.40 -26.13
C ALA A 53 1.45 -3.90 -24.69
N SER A 54 1.29 -2.98 -23.75
CA SER A 54 1.32 -3.32 -22.33
C SER A 54 0.30 -2.48 -21.58
N THR A 55 -0.23 -3.02 -20.49
CA THR A 55 -1.20 -2.29 -19.68
C THR A 55 -0.50 -1.55 -18.56
N VAL A 56 -0.76 -0.25 -18.47
CA VAL A 56 -0.13 0.59 -17.46
C VAL A 56 -1.16 1.42 -16.71
N ALA A 57 -0.71 2.11 -15.67
CA ALA A 57 -1.58 2.99 -14.90
C ALA A 57 -1.07 4.42 -15.02
N VAL A 58 -1.94 5.32 -15.46
CA VAL A 58 -1.56 6.71 -15.66
C VAL A 58 -2.14 7.61 -14.57
N LYS A 59 -1.26 8.29 -13.85
CA LYS A 59 -1.68 9.24 -12.84
C LYS A 59 -1.65 10.66 -13.43
N MET A 60 -2.74 11.39 -13.24
CA MET A 60 -2.88 12.73 -13.82
C MET A 60 -3.69 13.63 -12.89
N LEU A 61 -3.61 14.93 -13.13
CA LEU A 61 -4.39 15.89 -12.35
C LEU A 61 -5.87 15.79 -12.69
N LYS A 62 -6.72 16.31 -11.82
CA LYS A 62 -8.16 16.37 -12.08
C LYS A 62 -8.52 17.58 -12.92
N ASP A 63 -9.82 17.79 -13.08
CA ASP A 63 -10.32 18.98 -13.77
C ASP A 63 -10.34 20.15 -12.80
N ASN A 64 -9.98 19.87 -11.55
CA ASN A 64 -10.06 20.85 -10.47
C ASN A 64 -8.68 21.36 -10.06
N ALA A 65 -7.64 20.92 -10.77
CA ALA A 65 -6.26 21.08 -10.34
C ALA A 65 -5.85 22.53 -10.08
N SER A 66 -5.39 22.79 -8.86
CA SER A 66 -4.76 24.06 -8.53
C SER A 66 -3.26 23.95 -8.77
N ASP A 67 -2.53 25.02 -8.49
CA ASP A 67 -1.09 25.00 -8.69
C ASP A 67 -0.41 24.15 -7.63
N LYS A 68 -1.11 23.92 -6.52
CA LYS A 68 -0.62 23.04 -5.46
C LYS A 68 -0.78 21.58 -5.86
N ASP A 69 -1.89 21.26 -6.50
CA ASP A 69 -2.14 19.91 -7.01
C ASP A 69 -1.06 19.50 -8.00
N LEU A 70 -0.71 20.42 -8.88
CA LEU A 70 0.35 20.20 -9.85
C LEU A 70 1.68 19.97 -9.15
N ALA A 71 1.95 20.80 -8.15
CA ALA A 71 3.20 20.73 -7.40
C ALA A 71 3.34 19.40 -6.67
N ASP A 72 2.24 18.89 -6.13
CA ASP A 72 2.24 17.61 -5.43
C ASP A 72 2.55 16.46 -6.41
N LEU A 73 1.92 16.50 -7.57
CA LEU A 73 2.13 15.46 -8.58
C LEU A 73 3.55 15.52 -9.14
N VAL A 74 4.04 16.74 -9.38
CA VAL A 74 5.40 16.93 -9.84
C VAL A 74 6.38 16.41 -8.80
N SER A 75 6.07 16.65 -7.53
CA SER A 75 6.89 16.17 -6.43
C SER A 75 6.88 14.65 -6.36
N GLU A 76 5.69 14.05 -6.51
CA GLU A 76 5.55 12.60 -6.53
C GLU A 76 6.35 12.01 -7.67
N MET A 77 6.31 12.67 -8.82
CA MET A 77 7.05 12.24 -10.00
C MET A 77 8.55 12.14 -9.72
N GLU A 78 9.10 13.18 -9.11
CA GLU A 78 10.53 13.24 -8.83
C GLU A 78 10.94 12.18 -7.80
N VAL A 79 10.07 11.94 -6.82
CA VAL A 79 10.32 10.89 -5.84
C VAL A 79 10.42 9.53 -6.53
N MET A 80 9.50 9.26 -7.44
CA MET A 80 9.47 8.01 -8.17
C MET A 80 10.76 7.80 -8.98
N LYS A 81 11.29 8.89 -9.51
CA LYS A 81 12.54 8.84 -10.27
C LYS A 81 13.71 8.40 -9.39
N LEU A 82 13.76 8.91 -8.16
CA LEU A 82 14.91 8.72 -7.28
C LEU A 82 14.94 7.37 -6.59
N ILE A 83 13.76 6.80 -6.37
CA ILE A 83 13.63 5.66 -5.47
C ILE A 83 14.10 4.37 -6.13
N GLY A 84 14.08 4.32 -7.46
CA GLY A 84 14.59 3.17 -8.18
C GLY A 84 13.60 2.03 -8.27
N ARG A 85 14.05 0.89 -8.77
CA ARG A 85 13.18 -0.25 -9.01
C ARG A 85 13.33 -1.33 -7.94
N HIS A 86 12.20 -1.84 -7.47
CA HIS A 86 12.18 -2.99 -6.57
C HIS A 86 10.94 -3.84 -6.83
N LYS A 87 11.10 -5.15 -6.70
CA LYS A 87 10.04 -6.12 -6.96
C LYS A 87 8.75 -5.83 -6.20
N ASN A 88 8.88 -5.28 -5.00
CA ASN A 88 7.75 -5.17 -4.09
C ASN A 88 7.20 -3.75 -3.92
N ILE A 89 7.46 -2.89 -4.90
CA ILE A 89 6.84 -1.56 -4.93
C ILE A 89 6.31 -1.26 -6.33
N ILE A 90 5.38 -0.32 -6.42
CA ILE A 90 4.91 0.16 -7.71
C ILE A 90 5.99 1.04 -8.32
N ASN A 91 6.50 0.62 -9.47
CA ASN A 91 7.64 1.30 -10.08
C ASN A 91 7.25 2.31 -11.14
N LEU A 92 8.09 3.31 -11.32
CA LEU A 92 7.88 4.31 -12.36
C LEU A 92 8.28 3.74 -13.71
N LEU A 93 7.39 3.86 -14.70
CA LEU A 93 7.67 3.35 -16.03
C LEU A 93 8.05 4.47 -16.99
N GLY A 94 7.48 5.64 -16.77
CA GLY A 94 7.75 6.80 -17.60
C GLY A 94 6.89 7.99 -17.23
N VAL A 95 7.13 9.12 -17.88
CA VAL A 95 6.32 10.32 -17.64
C VAL A 95 5.99 11.04 -18.94
N CYS A 96 4.97 11.89 -18.89
CA CYS A 96 4.60 12.72 -20.03
C CYS A 96 4.51 14.18 -19.57
N THR A 97 5.48 14.99 -19.97
CA THR A 97 5.57 16.36 -19.49
C THR A 97 5.57 17.40 -20.61
N GLN A 98 5.71 16.93 -21.85
CA GLN A 98 5.86 17.84 -22.98
C GLN A 98 4.60 17.93 -23.84
N GLU A 99 4.17 19.15 -24.10
CA GLU A 99 3.06 19.43 -25.01
C GLU A 99 1.80 18.64 -24.68
N GLY A 100 1.28 18.84 -23.48
CA GLY A 100 0.09 18.14 -23.03
C GLY A 100 0.05 18.04 -21.51
N PRO A 101 -1.05 17.47 -20.98
CA PRO A 101 -1.22 17.31 -19.53
C PRO A 101 -0.14 16.43 -18.91
N LEU A 102 0.14 16.63 -17.63
CA LEU A 102 1.19 15.89 -16.94
C LEU A 102 0.75 14.47 -16.60
N TYR A 103 1.48 13.49 -17.10
CA TYR A 103 1.20 12.09 -16.82
C TYR A 103 2.33 11.43 -16.02
N VAL A 104 1.96 10.67 -15.00
CA VAL A 104 2.92 9.82 -14.30
C VAL A 104 2.54 8.37 -14.52
N ILE A 105 3.30 7.68 -15.36
CA ILE A 105 2.97 6.32 -15.78
C ILE A 105 3.54 5.29 -14.80
N LEU A 106 2.65 4.54 -14.16
CA LEU A 106 3.05 3.58 -13.12
C LEU A 106 2.83 2.15 -13.58
N GLU A 107 3.42 1.21 -12.83
CA GLU A 107 3.20 -0.21 -13.06
C GLU A 107 1.76 -0.59 -12.75
N CYS A 108 1.31 -1.71 -13.33
CA CYS A 108 -0.02 -2.22 -13.07
C CYS A 108 0.01 -3.45 -12.17
N ALA A 109 -0.90 -3.49 -11.21
CA ALA A 109 -1.15 -4.68 -10.42
C ALA A 109 -2.62 -5.08 -10.63
N ALA A 110 -2.82 -6.12 -11.42
CA ALA A 110 -4.14 -6.46 -11.95
C ALA A 110 -5.22 -6.73 -10.90
N LYS A 111 -4.82 -7.17 -9.71
CA LYS A 111 -5.81 -7.65 -8.74
C LYS A 111 -6.29 -6.60 -7.74
N GLY A 112 -5.84 -5.36 -7.88
CA GLY A 112 -6.26 -4.29 -6.99
C GLY A 112 -5.51 -4.33 -5.67
N ASN A 113 -5.99 -3.57 -4.69
CA ASN A 113 -5.27 -3.46 -3.41
C ASN A 113 -5.44 -4.70 -2.53
N LEU A 114 -4.55 -4.83 -1.56
CA LEU A 114 -4.48 -6.02 -0.72
C LEU A 114 -5.74 -6.22 0.14
N ARG A 115 -6.36 -5.12 0.57
CA ARG A 115 -7.55 -5.22 1.41
C ARG A 115 -8.70 -5.89 0.66
N GLU A 116 -9.01 -5.37 -0.52
CA GLU A 116 -10.10 -5.92 -1.33
C GLU A 116 -9.75 -7.33 -1.81
N PHE A 117 -8.46 -7.56 -2.05
CA PHE A 117 -7.97 -8.88 -2.46
C PHE A 117 -8.34 -9.93 -1.41
N LEU A 118 -8.06 -9.62 -0.16
CA LEU A 118 -8.32 -10.54 0.94
C LEU A 118 -9.82 -10.70 1.21
N ARG A 119 -10.54 -9.58 1.22
CA ARG A 119 -11.97 -9.59 1.52
C ARG A 119 -12.77 -10.38 0.50
N ALA A 120 -12.32 -10.35 -0.76
CA ALA A 120 -13.00 -11.07 -1.83
C ALA A 120 -12.67 -12.55 -1.80
N ARG A 121 -11.71 -12.93 -0.97
CA ARG A 121 -11.26 -14.32 -0.92
C ARG A 121 -11.38 -14.93 0.48
N ARG A 122 -12.38 -14.47 1.22
CA ARG A 122 -12.69 -15.08 2.52
C ARG A 122 -13.36 -16.43 2.27
N PRO A 123 -13.09 -17.42 3.13
CA PRO A 123 -13.64 -18.74 2.98
C PRO A 123 -15.17 -18.74 2.95
N PRO A 124 -15.76 -19.69 2.21
CA PRO A 124 -17.20 -19.81 2.16
C PRO A 124 -17.65 -20.11 3.59
N GLY A 125 -18.71 -19.47 4.05
CA GLY A 125 -19.13 -19.75 5.43
C GLY A 125 -19.95 -21.02 5.55
N PRO A 126 -20.51 -21.33 6.73
CA PRO A 126 -21.28 -22.55 6.89
C PRO A 126 -22.62 -22.82 6.18
N ASP A 127 -23.02 -21.96 5.26
CA ASP A 127 -24.36 -21.90 4.61
C ASP A 127 -24.20 -22.34 3.17
N LEU A 128 -23.06 -22.92 2.83
CA LEU A 128 -22.79 -23.35 1.43
C LEU A 128 -23.09 -24.83 1.36
N SER A 129 -23.90 -25.25 0.39
CA SER A 129 -24.14 -26.71 0.29
C SER A 129 -22.84 -27.34 -0.23
N PRO A 130 -22.26 -28.34 0.46
CA PRO A 130 -21.01 -28.96 0.01
C PRO A 130 -21.08 -29.41 -1.45
N ASP A 131 -20.03 -29.13 -2.22
CA ASP A 131 -20.01 -29.48 -3.63
C ASP A 131 -18.50 -29.66 -3.84
N GLY A 132 -18.11 -30.88 -4.15
CA GLY A 132 -16.74 -31.18 -4.56
C GLY A 132 -15.86 -31.51 -3.36
N PRO A 133 -14.65 -32.02 -3.62
CA PRO A 133 -13.69 -32.42 -2.59
C PRO A 133 -13.18 -31.26 -1.73
N ARG A 134 -13.33 -30.03 -2.22
CA ARG A 134 -12.78 -28.86 -1.54
C ARG A 134 -14.07 -28.04 -1.47
N SER A 135 -14.90 -28.33 -0.48
CA SER A 135 -16.03 -27.49 -0.11
C SER A 135 -15.64 -26.44 0.94
N SER A 136 -14.83 -26.87 1.91
CA SER A 136 -14.45 -26.00 3.02
C SER A 136 -13.14 -25.28 2.76
N GLU A 137 -12.55 -25.52 1.60
CA GLU A 137 -11.23 -24.95 1.28
C GLU A 137 -11.35 -23.66 0.48
N GLY A 138 -10.95 -22.55 1.09
CA GLY A 138 -11.01 -21.26 0.43
C GLY A 138 -9.75 -20.94 -0.36
N PRO A 139 -9.77 -19.83 -1.11
CA PRO A 139 -8.63 -19.40 -1.93
C PRO A 139 -7.38 -19.09 -1.10
N LEU A 140 -7.58 -18.67 0.15
CA LEU A 140 -6.48 -18.21 0.98
C LEU A 140 -6.00 -19.26 1.96
N SER A 141 -4.68 -19.45 2.00
CA SER A 141 -4.05 -20.37 2.93
C SER A 141 -3.02 -19.62 3.75
N PHE A 142 -2.69 -20.15 4.93
CA PHE A 142 -1.77 -19.50 5.85
C PHE A 142 -0.39 -19.14 5.25
N PRO A 143 0.24 -20.05 4.49
CA PRO A 143 1.56 -19.66 3.97
C PRO A 143 1.52 -18.48 2.99
N VAL A 144 0.45 -18.38 2.21
CA VAL A 144 0.30 -17.28 1.26
C VAL A 144 0.13 -15.96 1.99
N LEU A 145 -0.60 -16.00 3.10
CA LEU A 145 -0.83 -14.80 3.93
C LEU A 145 0.48 -14.31 4.53
N VAL A 146 1.33 -15.26 4.95
CA VAL A 146 2.63 -14.92 5.50
C VAL A 146 3.52 -14.35 4.40
N SER A 147 3.41 -14.92 3.20
CA SER A 147 4.16 -14.43 2.05
C SER A 147 3.79 -12.98 1.75
N CYS A 148 2.49 -12.69 1.79
CA CYS A 148 2.00 -11.32 1.60
C CYS A 148 2.61 -10.36 2.61
N ALA A 149 2.67 -10.78 3.87
CA ALA A 149 3.25 -9.98 4.93
C ALA A 149 4.75 -9.80 4.71
N TYR A 150 5.42 -10.89 4.35
CA TYR A 150 6.85 -10.88 4.10
C TYR A 150 7.24 -9.92 2.99
N GLN A 151 6.49 -9.94 1.89
CA GLN A 151 6.81 -9.11 0.73
C GLN A 151 6.66 -7.62 1.03
N VAL A 152 5.60 -7.26 1.75
CA VAL A 152 5.39 -5.88 2.16
C VAL A 152 6.56 -5.40 3.01
N ALA A 153 7.01 -6.27 3.92
CA ALA A 153 8.14 -5.97 4.79
C ALA A 153 9.41 -5.70 3.99
N ARG A 154 9.69 -6.56 3.01
CA ARG A 154 10.90 -6.41 2.20
C ARG A 154 10.80 -5.20 1.29
N GLY A 155 9.57 -4.87 0.88
CA GLY A 155 9.34 -3.68 0.09
C GLY A 155 9.59 -2.43 0.92
N MET A 156 9.07 -2.44 2.15
CA MET A 156 9.29 -1.33 3.07
C MET A 156 10.76 -1.21 3.45
N GLN A 157 11.43 -2.35 3.55
CA GLN A 157 12.87 -2.37 3.84
C GLN A 157 13.64 -1.67 2.74
N TYR A 158 13.18 -1.82 1.50
CA TYR A 158 13.80 -1.14 0.38
C TYR A 158 13.53 0.36 0.46
N LEU A 159 12.29 0.71 0.75
CA LEU A 159 11.90 2.12 0.84
C LEU A 159 12.70 2.81 1.93
N GLU A 160 12.90 2.11 3.04
CA GLU A 160 13.64 2.65 4.17
C GLU A 160 15.10 2.92 3.81
N SER A 161 15.70 2.01 3.07
CA SER A 161 17.09 2.16 2.63
C SER A 161 17.24 3.33 1.67
N ARG A 162 16.13 3.69 1.02
CA ARG A 162 16.11 4.85 0.14
C ARG A 162 15.64 6.09 0.89
N LYS A 163 15.62 5.97 2.22
CA LYS A 163 15.21 7.06 3.11
C LYS A 163 13.82 7.58 2.78
N CYS A 164 12.92 6.65 2.48
CA CYS A 164 11.54 7.00 2.14
C CYS A 164 10.57 6.54 3.21
N ILE A 165 9.81 7.48 3.76
CA ILE A 165 8.79 7.18 4.76
C ILE A 165 7.40 7.23 4.12
N HIS A 166 6.61 6.19 4.34
CA HIS A 166 5.31 6.07 3.68
C HIS A 166 4.25 6.96 4.30
N ARG A 167 4.19 6.97 5.64
CA ARG A 167 3.29 7.80 6.43
C ARG A 167 1.81 7.37 6.39
N ASP A 168 1.48 6.42 5.55
CA ASP A 168 0.14 5.84 5.57
C ASP A 168 0.16 4.41 5.02
N LEU A 169 1.03 3.58 5.61
CA LEU A 169 1.11 2.18 5.22
C LEU A 169 -0.15 1.43 5.65
N ALA A 170 -0.82 0.81 4.69
CA ALA A 170 -2.05 0.06 4.95
C ALA A 170 -2.32 -0.91 3.80
N ALA A 171 -3.22 -1.86 4.03
CA ALA A 171 -3.58 -2.89 3.04
C ALA A 171 -4.16 -2.26 1.78
N ARG A 172 -4.85 -1.13 1.90
CA ARG A 172 -5.41 -0.45 0.71
C ARG A 172 -4.31 0.21 -0.10
N ASN A 173 -3.16 0.49 0.50
CA ASN A 173 -1.96 1.06 -0.13
C ASN A 173 -0.99 -0.03 -0.61
N VAL A 174 -1.38 -1.29 -0.57
CA VAL A 174 -0.55 -2.38 -1.10
C VAL A 174 -1.29 -3.04 -2.26
N LEU A 175 -0.66 -3.05 -3.44
CA LEU A 175 -1.32 -3.55 -4.64
C LEU A 175 -0.87 -4.97 -4.98
N VAL A 176 -1.79 -5.75 -5.56
CA VAL A 176 -1.54 -7.16 -5.83
C VAL A 176 -1.53 -7.44 -7.33
N THR A 177 -0.42 -8.02 -7.80
CA THR A 177 -0.26 -8.31 -9.22
C THR A 177 -0.97 -9.60 -9.61
N GLU A 178 -0.87 -9.96 -10.90
CA GLU A 178 -1.47 -11.19 -11.40
C GLU A 178 -0.85 -12.42 -10.75
N ASP A 179 0.41 -12.30 -10.34
CA ASP A 179 1.12 -13.42 -9.72
C ASP A 179 1.19 -13.27 -8.21
N ASN A 180 0.24 -12.51 -7.65
CA ASN A 180 0.13 -12.31 -6.22
C ASN A 180 1.39 -11.75 -5.58
N VAL A 181 2.08 -10.86 -6.30
CA VAL A 181 3.22 -10.16 -5.75
C VAL A 181 2.76 -8.85 -5.12
N MET A 182 3.17 -8.62 -3.88
CA MET A 182 2.81 -7.41 -3.17
C MET A 182 3.61 -6.21 -3.70
N LYS A 183 2.91 -5.13 -4.03
CA LYS A 183 3.58 -3.91 -4.47
C LYS A 183 3.04 -2.70 -3.70
N ILE A 184 3.91 -2.09 -2.90
CA ILE A 184 3.54 -0.93 -2.11
C ILE A 184 3.32 0.28 -3.01
N ALA A 185 2.23 1.00 -2.78
CA ALA A 185 1.88 2.15 -3.61
C ALA A 185 1.73 3.42 -2.78
N ASP A 186 1.80 4.56 -3.46
CA ASP A 186 1.56 5.87 -2.85
C ASP A 186 2.46 6.12 -1.64
N PHE A 187 3.77 5.91 -1.81
CA PHE A 187 4.72 6.07 -0.71
C PHE A 187 5.40 7.43 -0.71
N GLY A 188 5.48 8.07 -1.87
CA GLY A 188 6.13 9.37 -1.97
C GLY A 188 5.16 10.53 -2.02
N LEU A 189 4.03 10.36 -1.35
CA LEU A 189 2.95 11.34 -1.45
C LEU A 189 2.99 12.43 -0.39
N ALA A 190 2.83 13.68 -0.82
CA ALA A 190 2.62 14.78 0.10
C ALA A 190 1.22 14.62 0.68
N ARG A 191 1.14 14.30 1.97
CA ARG A 191 -0.13 13.95 2.58
C ARG A 191 -0.68 15.04 3.50
N GLY A 192 0.01 16.19 3.54
CA GLY A 192 -0.42 17.31 4.36
C GLY A 192 -0.56 16.92 5.82
N VAL A 193 0.56 16.56 6.43
CA VAL A 193 0.56 15.98 7.77
C VAL A 193 0.25 17.01 8.86
N HIS A 194 0.21 18.29 8.50
CA HIS A 194 -0.01 19.34 9.49
C HIS A 194 -1.47 19.77 9.55
N HIS A 195 -2.32 19.18 8.71
CA HIS A 195 -3.74 19.50 8.72
C HIS A 195 -4.60 18.27 8.42
N ILE A 196 -4.40 17.21 9.21
CA ILE A 196 -5.15 15.98 9.05
C ILE A 196 -6.48 16.03 9.79
N ASP A 197 -7.57 15.77 9.07
CA ASP A 197 -8.87 15.58 9.71
C ASP A 197 -8.93 14.16 10.27
N TYR A 198 -8.66 14.03 11.56
CA TYR A 198 -8.58 12.72 12.21
C TYR A 198 -9.94 12.01 12.25
N TYR A 199 -11.01 12.77 12.04
CA TYR A 199 -12.35 12.20 12.03
C TYR A 199 -12.84 11.88 10.62
N LYS A 200 -12.05 12.25 9.62
CA LYS A 200 -12.46 12.08 8.24
C LYS A 200 -12.53 10.61 7.84
N LYS A 201 -13.70 10.20 7.37
CA LYS A 201 -13.92 8.84 6.89
C LYS A 201 -13.94 8.84 5.36
N THR A 202 -13.20 7.93 4.75
CA THR A 202 -13.16 7.85 3.29
C THR A 202 -14.49 7.37 2.71
N SER A 203 -14.58 7.36 1.38
CA SER A 203 -15.81 6.96 0.70
C SER A 203 -16.11 5.48 0.92
N ASN A 204 -15.08 4.70 1.23
CA ASN A 204 -15.27 3.27 1.48
C ASN A 204 -15.24 2.96 2.97
N GLY A 205 -15.33 4.01 3.79
CA GLY A 205 -15.49 3.84 5.22
C GLY A 205 -14.21 3.76 6.04
N ARG A 206 -13.07 4.04 5.41
CA ARG A 206 -11.79 3.91 6.11
C ARG A 206 -11.48 5.12 6.98
N LEU A 207 -11.01 4.84 8.20
CA LEU A 207 -10.50 5.86 9.10
C LEU A 207 -8.98 5.75 9.19
N PRO A 208 -8.26 6.54 8.38
CA PRO A 208 -6.79 6.44 8.24
C PRO A 208 -6.04 6.68 9.55
N VAL A 209 -6.70 7.29 10.52
CA VAL A 209 -6.08 7.60 11.81
C VAL A 209 -5.75 6.32 12.59
N LYS A 210 -6.46 5.23 12.28
CA LYS A 210 -6.26 3.96 12.97
C LYS A 210 -4.96 3.27 12.54
N TRP A 211 -4.24 3.90 11.61
CA TRP A 211 -2.97 3.36 11.13
C TRP A 211 -1.79 4.19 11.63
N MET A 212 -2.09 5.32 12.27
CA MET A 212 -1.04 6.24 12.72
C MET A 212 -0.39 5.79 14.02
N ALA A 213 0.94 5.84 14.04
CA ALA A 213 1.69 5.62 15.27
C ALA A 213 1.38 6.75 16.25
N PRO A 214 1.48 6.46 17.56
CA PRO A 214 1.18 7.49 18.57
C PRO A 214 2.00 8.76 18.38
N GLU A 215 3.29 8.62 18.10
CA GLU A 215 4.15 9.78 17.92
C GLU A 215 3.74 10.60 16.70
N ALA A 216 3.14 9.95 15.71
CA ALA A 216 2.70 10.63 14.50
C ALA A 216 1.36 11.31 14.75
N LEU A 217 0.47 10.63 15.45
CA LEU A 217 -0.85 11.18 15.75
C LEU A 217 -0.77 12.30 16.78
N PHE A 218 -0.01 12.08 17.84
CA PHE A 218 0.04 13.03 18.95
C PHE A 218 1.10 14.12 18.79
N ASP A 219 2.25 13.77 18.21
CA ASP A 219 3.37 14.70 18.15
C ASP A 219 3.76 15.07 16.71
N GLU A 220 3.02 14.56 15.74
CA GLU A 220 3.28 14.79 14.31
C GLU A 220 4.72 14.42 13.94
N VAL A 221 5.21 13.33 14.54
CA VAL A 221 6.56 12.85 14.27
C VAL A 221 6.53 11.61 13.39
N TYR A 222 7.23 11.65 12.27
CA TYR A 222 7.29 10.52 11.37
C TYR A 222 8.71 9.99 11.23
N THR A 223 8.88 8.70 11.53
CA THR A 223 10.13 8.01 11.31
C THR A 223 9.84 6.69 10.61
N HIS A 224 10.88 5.91 10.36
CA HIS A 224 10.67 4.59 9.78
C HIS A 224 10.00 3.67 10.79
N GLN A 225 10.19 3.96 12.07
CA GLN A 225 9.57 3.18 13.13
C GLN A 225 8.08 3.47 13.24
N SER A 226 7.67 4.66 12.82
CA SER A 226 6.26 5.00 12.80
C SER A 226 5.57 4.21 11.68
N ASP A 227 6.34 3.88 10.64
CA ASP A 227 5.85 2.98 9.59
C ASP A 227 5.74 1.56 10.12
N VAL A 228 6.68 1.17 10.99
CA VAL A 228 6.67 -0.16 11.58
C VAL A 228 5.38 -0.39 12.37
N TRP A 229 4.95 0.64 13.09
CA TRP A 229 3.66 0.62 13.78
C TRP A 229 2.55 0.30 12.78
N SER A 230 2.53 1.04 11.68
CA SER A 230 1.52 0.85 10.65
C SER A 230 1.57 -0.54 10.05
N PHE A 231 2.78 -1.07 9.87
CA PHE A 231 2.96 -2.43 9.38
C PHE A 231 2.32 -3.43 10.33
N GLY A 232 2.37 -3.12 11.63
CA GLY A 232 1.70 -3.93 12.63
C GLY A 232 0.20 -3.96 12.39
N ILE A 233 -0.37 -2.79 12.11
CA ILE A 233 -1.78 -2.70 11.76
C ILE A 233 -2.08 -3.46 10.48
N LEU A 234 -1.19 -3.34 9.50
CA LEU A 234 -1.34 -4.03 8.23
C LEU A 234 -1.29 -5.55 8.43
N LEU A 235 -0.46 -5.99 9.37
CA LEU A 235 -0.39 -7.40 9.72
C LEU A 235 -1.73 -7.89 10.25
N TRP A 236 -2.35 -7.07 11.08
CA TRP A 236 -3.66 -7.38 11.63
C TRP A 236 -4.71 -7.48 10.52
N GLU A 237 -4.61 -6.59 9.53
CA GLU A 237 -5.51 -6.61 8.39
C GLU A 237 -5.42 -7.93 7.63
N ILE A 238 -4.19 -8.35 7.36
CA ILE A 238 -3.94 -9.56 6.58
C ILE A 238 -4.57 -10.79 7.22
N PHE A 239 -4.33 -10.98 8.51
CA PHE A 239 -4.77 -12.20 9.18
C PHE A 239 -6.18 -12.06 9.76
N THR A 240 -6.86 -10.97 9.41
CA THR A 240 -8.30 -10.87 9.57
C THR A 240 -8.95 -10.93 8.19
N LEU A 241 -8.11 -11.17 7.18
CA LEU A 241 -8.54 -11.25 5.78
C LEU A 241 -9.25 -9.97 5.34
N GLY A 242 -8.65 -8.83 5.60
CA GLY A 242 -9.18 -7.55 5.17
C GLY A 242 -10.11 -6.87 6.17
N GLY A 243 -9.95 -7.20 7.45
CA GLY A 243 -10.74 -6.58 8.49
C GLY A 243 -10.34 -5.15 8.77
N SER A 244 -11.27 -4.37 9.32
CA SER A 244 -10.97 -2.99 9.72
C SER A 244 -10.50 -2.97 11.17
N PRO A 245 -9.34 -2.34 11.42
CA PRO A 245 -8.72 -2.31 12.75
C PRO A 245 -9.56 -1.58 13.80
N TYR A 246 -9.33 -1.90 15.07
CA TYR A 246 -10.11 -1.38 16.18
C TYR A 246 -11.61 -1.44 15.90
N PRO A 247 -12.16 -2.67 15.80
CA PRO A 247 -13.56 -2.88 15.38
C PRO A 247 -14.56 -2.14 16.23
N GLY A 248 -15.37 -1.30 15.59
CA GLY A 248 -16.45 -0.60 16.26
C GLY A 248 -15.99 0.49 17.23
N ILE A 249 -14.77 0.96 17.06
CA ILE A 249 -14.25 2.03 17.90
C ILE A 249 -14.18 3.33 17.12
N PRO A 250 -15.03 4.31 17.49
CA PRO A 250 -15.01 5.63 16.87
C PRO A 250 -13.74 6.39 17.22
N VAL A 251 -13.38 7.40 16.42
CA VAL A 251 -12.12 8.11 16.58
C VAL A 251 -11.94 8.70 17.99
N GLU A 252 -13.02 9.26 18.55
CA GLU A 252 -12.95 9.85 19.89
C GLU A 252 -12.51 8.83 20.93
N GLU A 253 -13.05 7.61 20.83
CA GLU A 253 -12.69 6.55 21.74
C GLU A 253 -11.27 6.05 21.47
N LEU A 254 -10.85 6.14 20.21
CA LEU A 254 -9.50 5.75 19.82
C LEU A 254 -8.45 6.60 20.51
N PHE A 255 -8.71 7.91 20.57
CA PHE A 255 -7.81 8.86 21.24
C PHE A 255 -7.51 8.44 22.67
N SER A 256 -8.56 8.23 23.46
CA SER A 256 -8.42 7.92 24.87
C SER A 256 -7.82 6.53 25.11
N LEU A 257 -8.25 5.55 24.31
CA LEU A 257 -7.74 4.19 24.42
C LEU A 257 -6.23 4.15 24.13
N LEU A 258 -5.80 4.87 23.11
CA LEU A 258 -4.39 4.93 22.77
C LEU A 258 -3.58 5.60 23.88
N ARG A 259 -4.17 6.61 24.52
CA ARG A 259 -3.52 7.28 25.65
C ARG A 259 -3.45 6.35 26.86
N GLU A 260 -4.33 5.36 26.90
CA GLU A 260 -4.34 4.37 27.96
C GLU A 260 -3.47 3.16 27.60
N GLY A 261 -2.91 3.17 26.40
CA GLY A 261 -2.03 2.10 25.97
C GLY A 261 -2.77 0.87 25.47
N HIS A 262 -4.04 1.04 25.17
CA HIS A 262 -4.86 -0.05 24.63
C HIS A 262 -4.30 -0.54 23.30
N ARG A 263 -4.41 -1.85 23.08
CA ARG A 263 -4.01 -2.46 21.82
C ARG A 263 -5.11 -3.40 21.33
N MET A 264 -5.06 -3.75 20.05
CA MET A 264 -6.03 -4.69 19.49
C MET A 264 -5.83 -6.09 20.05
N ASP A 265 -6.92 -6.84 20.12
CA ASP A 265 -6.88 -8.23 20.56
C ASP A 265 -6.31 -9.13 19.48
N ARG A 266 -5.87 -10.32 19.88
CA ARG A 266 -5.43 -11.33 18.92
C ARG A 266 -6.62 -11.83 18.11
N PRO A 267 -6.57 -11.63 16.79
CA PRO A 267 -7.66 -12.06 15.91
C PRO A 267 -7.78 -13.58 15.85
N PRO A 268 -8.98 -14.09 15.56
CA PRO A 268 -9.22 -15.55 15.48
C PRO A 268 -8.38 -16.19 14.38
N HIS A 269 -8.01 -17.45 14.58
CA HIS A 269 -7.25 -18.21 13.60
C HIS A 269 -5.94 -17.51 13.21
N CYS A 270 -5.33 -16.86 14.19
CA CYS A 270 -4.04 -16.20 14.00
C CYS A 270 -3.04 -16.73 15.02
N PRO A 271 -1.99 -17.42 14.55
CA PRO A 271 -0.99 -18.03 15.43
C PRO A 271 -0.30 -16.99 16.31
N PRO A 272 0.16 -17.40 17.50
CA PRO A 272 0.76 -16.47 18.47
C PRO A 272 2.03 -15.80 17.94
N GLU A 273 2.71 -16.46 17.01
CA GLU A 273 3.92 -15.90 16.40
C GLU A 273 3.61 -14.53 15.78
N LEU A 274 2.57 -14.48 14.98
CA LEU A 274 2.25 -13.28 14.22
C LEU A 274 1.59 -12.20 15.06
N TYR A 275 0.78 -12.59 16.04
CA TYR A 275 0.23 -11.59 16.96
C TYR A 275 1.36 -11.04 17.82
N GLY A 276 2.39 -11.86 18.02
CA GLY A 276 3.58 -11.42 18.72
C GLY A 276 4.29 -10.31 17.97
N LEU A 277 4.42 -10.49 16.65
CA LEU A 277 5.02 -9.47 15.80
C LEU A 277 4.20 -8.19 15.81
N MET A 278 2.87 -8.33 15.77
CA MET A 278 1.96 -7.19 15.82
C MET A 278 2.19 -6.36 17.08
N ARG A 279 2.24 -7.02 18.23
CA ARG A 279 2.44 -6.33 19.49
C ARG A 279 3.82 -5.70 19.57
N GLU A 280 4.80 -6.32 18.91
CA GLU A 280 6.14 -5.75 18.85
C GLU A 280 6.15 -4.48 18.02
N CYS A 281 5.35 -4.47 16.95
CA CYS A 281 5.23 -3.30 16.11
C CYS A 281 4.47 -2.18 16.83
N TRP A 282 3.73 -2.55 17.88
CA TRP A 282 2.89 -1.60 18.59
C TRP A 282 3.46 -1.21 19.95
N HIS A 283 4.75 -1.44 20.16
CA HIS A 283 5.40 -0.99 21.38
C HIS A 283 5.42 0.54 21.41
N ALA A 284 5.20 1.11 22.60
CA ALA A 284 5.11 2.56 22.76
C ALA A 284 6.38 3.26 22.31
N ALA A 285 7.52 2.75 22.77
CA ALA A 285 8.81 3.31 22.37
C ALA A 285 9.20 2.82 20.98
N PRO A 286 9.35 3.76 20.03
CA PRO A 286 9.71 3.44 18.65
C PRO A 286 10.99 2.62 18.53
N SER A 287 11.88 2.76 19.50
CA SER A 287 13.14 2.01 19.50
C SER A 287 12.92 0.57 19.96
N GLN A 288 11.79 0.30 20.59
CA GLN A 288 11.48 -1.04 21.04
C GLN A 288 10.64 -1.82 20.03
N ARG A 289 10.38 -1.19 18.89
CA ARG A 289 9.73 -1.87 17.78
C ARG A 289 10.80 -2.46 16.88
N PRO A 290 10.52 -3.61 16.25
CA PRO A 290 11.49 -4.19 15.34
C PRO A 290 11.73 -3.29 14.14
N THR A 291 12.94 -3.34 13.57
CA THR A 291 13.19 -2.65 12.32
C THR A 291 12.54 -3.46 11.21
N PHE A 292 12.45 -2.89 10.01
CA PHE A 292 11.88 -3.63 8.89
C PHE A 292 12.77 -4.80 8.51
N LYS A 293 14.09 -4.63 8.67
CA LYS A 293 15.03 -5.70 8.39
C LYS A 293 14.79 -6.89 9.31
N GLN A 294 14.50 -6.61 10.58
CA GLN A 294 14.19 -7.66 11.54
C GLN A 294 12.84 -8.30 11.23
N LEU A 295 11.89 -7.46 10.79
CA LEU A 295 10.57 -7.95 10.39
C LEU A 295 10.68 -8.91 9.21
N VAL A 296 11.51 -8.54 8.23
CA VAL A 296 11.75 -9.38 7.07
C VAL A 296 12.32 -10.72 7.49
N GLU A 297 13.28 -10.70 8.40
CA GLU A 297 13.95 -11.90 8.86
C GLU A 297 13.03 -12.79 9.69
N ALA A 298 12.21 -12.16 10.54
CA ALA A 298 11.29 -12.90 11.40
C ALA A 298 10.21 -13.59 10.58
N LEU A 299 9.66 -12.86 9.61
CA LEU A 299 8.61 -13.40 8.75
C LEU A 299 9.17 -14.46 7.79
N ASP A 300 10.45 -14.34 7.46
CA ASP A 300 11.11 -15.29 6.59
C ASP A 300 11.17 -16.67 7.24
N LYS A 301 11.57 -16.70 8.50
CA LYS A 301 11.66 -17.95 9.26
C LYS A 301 10.31 -18.65 9.31
N VAL A 302 9.25 -17.87 9.51
CA VAL A 302 7.90 -18.41 9.54
C VAL A 302 7.52 -18.98 8.18
N LEU A 303 7.86 -18.23 7.12
CA LEU A 303 7.52 -18.62 5.77
C LEU A 303 8.26 -19.89 5.35
N LEU A 304 9.54 -19.97 5.70
CA LEU A 304 10.35 -21.14 5.36
C LEU A 304 9.90 -22.39 6.11
N ALA A 305 9.42 -22.19 7.33
CA ALA A 305 8.97 -23.31 8.17
C ALA A 305 7.66 -23.90 7.68
N VAL A 306 6.85 -23.08 7.01
CA VAL A 306 5.55 -23.54 6.54
C VAL A 306 5.57 -23.81 5.04
N SER A 307 6.75 -23.77 4.44
CA SER A 307 6.90 -24.04 3.02
C SER A 307 7.78 -25.27 2.78
N GLU A 308 7.19 -26.45 2.95
CA GLU A 308 7.90 -27.70 2.73
C GLU A 308 8.07 -27.98 1.24
CL1 90F B . -3.23 3.43 -5.10
CAV 90F B . -4.77 2.60 -5.19
CAW 90F B . -5.08 1.77 -4.12
NAX 90F B . -6.28 1.07 -4.08
CAY 90F B . -7.18 1.19 -5.12
CAZ 90F B . -6.87 2.02 -6.20
CL2 90F B . -8.00 2.16 -7.50
CAT 90F B . -5.67 2.72 -6.25
CAS 90F B . -5.47 3.53 -7.39
CAU 90F B . -6.09 4.91 -7.14
OAJ 90F B . -4.09 3.73 -7.73
CAA 90F B . -3.42 2.81 -8.49
CAF 90F B . -3.80 1.47 -8.62
CAE 90F B . -3.06 0.66 -9.38
CAB 90F B . -2.28 3.25 -9.14
CAC 90F B . -1.56 2.36 -9.91
CAD 90F B . -1.97 1.09 -10.00
NAG 90F B . -1.44 0.07 -10.68
NAH 90F B . -2.09 -0.89 -10.51
CAI 90F B . -3.13 -0.63 -9.73
NAK 90F B . -3.96 -1.63 -9.42
CAL 90F B . -5.29 -1.58 -9.55
CAQ 90F B . -5.86 -1.99 -10.75
CAP 90F B . -7.25 -1.96 -10.87
NAR 90F B . -5.00 -2.36 -11.71
CBC 90F B . -5.29 -2.27 -13.02
OBE 90F B . -6.34 -1.84 -13.52
CBD 90F B . -4.15 -2.71 -13.93
CBS 90F B . -3.18 -1.54 -14.08
CAM 90F B . -6.05 -1.19 -8.47
FBG 90F B . -5.48 -0.82 -7.31
CAN 90F B . -7.43 -1.17 -8.60
CAO 90F B . -8.03 -1.56 -9.80
NBF 90F B . -9.38 -1.52 -9.88
CBL 90F B . -10.13 -0.57 -9.06
CBK 90F B . -11.44 -1.22 -8.68
CBH 90F B . -10.13 -2.48 -10.74
CBI 90F B . -11.47 -1.86 -11.15
CBJ 90F B . -12.31 -1.44 -9.93
NBM 90F B . -13.40 -2.38 -9.62
CBN 90F B . -14.32 -2.47 -10.76
CBO 90F B . -15.51 -3.38 -10.42
OBP 90F B . -16.20 -2.85 -9.27
CBQ 90F B . -15.32 -2.79 -8.12
CBR 90F B . -14.15 -1.88 -8.45
S SO4 C . -10.42 3.94 0.60
O1 SO4 C . -9.36 4.94 0.70
O2 SO4 C . -10.84 3.56 1.94
O3 SO4 C . -9.92 2.77 -0.11
O4 SO4 C . -11.56 4.51 -0.12
S SO4 D . -15.07 -6.48 8.83
O1 SO4 D . -14.58 -5.11 8.72
O2 SO4 D . -15.78 -6.64 10.09
O3 SO4 D . -15.99 -6.76 7.72
O4 SO4 D . -13.95 -7.41 8.78
S SO4 E . 4.68 -0.92 25.46
O1 SO4 E . 5.98 -0.28 25.22
O2 SO4 E . 4.15 -0.49 26.74
O3 SO4 E . 3.75 -0.54 24.40
O4 SO4 E . 4.86 -2.37 25.46
#